data_4QOA
#
_entry.id   4QOA
#
_cell.length_a   103.311
_cell.length_b   103.311
_cell.length_c   90.830
_cell.angle_alpha   90.000
_cell.angle_beta   90.000
_cell.angle_gamma   120.000
#
_symmetry.space_group_name_H-M   'P 65 2 2'
#
loop_
_entity.id
_entity.type
_entity.pdbx_description
1 polymer 'Putative periplasmic protein'
2 non-polymer 1,2-ETHANEDIOL
3 water water
#
_entity_poly.entity_id   1
_entity_poly.type   'polypeptide(L)'
_entity_poly.pdbx_seq_one_letter_code
;GGDVITQDTKQLPLTARNFINQYFSKPHISHIKIESEILQTKKYEVLLTDRTEIDFDKKGNWLEVDCKKSAVPEALIPVP
VKEYVKANFPREIITKIERGRTGVEIELGNDYSLKFNKKGKFVS(MSE)DD
;
_entity_poly.pdbx_strand_id   A
#
loop_
_chem_comp.id
_chem_comp.type
_chem_comp.name
_chem_comp.formula
EDO non-polymer 1,2-ETHANEDIOL 'C2 H6 O2'
#
# COMPACT_ATOMS: atom_id res chain seq x y z
N GLY A 2 6.33 -14.48 -0.49
CA GLY A 2 6.00 -15.85 -0.14
C GLY A 2 4.63 -16.27 -0.61
N ASP A 3 4.39 -16.19 -1.93
CA ASP A 3 3.09 -16.47 -2.53
C ASP A 3 3.12 -17.60 -3.60
N VAL A 4 4.14 -17.64 -4.49
CA VAL A 4 4.22 -18.63 -5.59
C VAL A 4 4.52 -20.04 -5.03
N ILE A 5 3.84 -21.06 -5.60
CA ILE A 5 3.99 -22.50 -5.32
C ILE A 5 4.17 -23.21 -6.67
N THR A 6 5.04 -24.23 -6.72
CA THR A 6 5.31 -24.99 -7.94
C THR A 6 5.62 -26.44 -7.60
N GLN A 7 5.33 -27.35 -8.52
CA GLN A 7 5.60 -28.78 -8.38
C GLN A 7 6.85 -29.14 -9.21
N ASP A 8 7.37 -28.17 -10.01
CA ASP A 8 8.53 -28.31 -10.89
C ASP A 8 9.82 -28.27 -10.07
N THR A 9 10.57 -29.38 -10.09
CA THR A 9 11.81 -29.53 -9.33
C THR A 9 12.92 -28.69 -9.97
N LYS A 10 12.88 -28.43 -11.30
CA LYS A 10 13.88 -27.62 -12.02
C LYS A 10 13.98 -26.17 -11.48
N GLN A 11 12.92 -25.69 -10.79
CA GLN A 11 12.82 -24.35 -10.22
C GLN A 11 13.79 -24.17 -9.05
N LEU A 12 13.95 -25.25 -8.29
CA LEU A 12 14.77 -25.36 -7.10
C LEU A 12 16.26 -25.47 -7.47
N PRO A 13 17.16 -24.69 -6.81
CA PRO A 13 18.58 -24.75 -7.18
C PRO A 13 19.18 -26.15 -7.03
N LEU A 14 20.18 -26.42 -7.87
CA LEU A 14 20.92 -27.69 -7.93
C LEU A 14 21.44 -28.10 -6.55
N THR A 15 21.97 -27.15 -5.74
CA THR A 15 22.51 -27.47 -4.41
C THR A 15 21.39 -27.99 -3.50
N ALA A 16 20.20 -27.37 -3.57
CA ALA A 16 19.04 -27.79 -2.78
C ALA A 16 18.54 -29.19 -3.18
N ARG A 17 18.44 -29.45 -4.51
CA ARG A 17 17.99 -30.73 -5.07
C ARG A 17 18.93 -31.84 -4.67
N ASN A 18 20.26 -31.59 -4.72
CA ASN A 18 21.29 -32.57 -4.34
C ASN A 18 21.25 -32.85 -2.85
N PHE A 19 20.94 -31.82 -2.04
CA PHE A 19 20.82 -31.96 -0.58
C PHE A 19 19.68 -32.92 -0.23
N ILE A 20 18.50 -32.76 -0.85
CA ILE A 20 17.32 -33.61 -0.63
C ILE A 20 17.64 -35.06 -1.03
N ASN A 21 18.20 -35.26 -2.23
CA ASN A 21 18.55 -36.59 -2.76
C ASN A 21 19.62 -37.30 -1.95
N GLN A 22 20.56 -36.54 -1.33
CA GLN A 22 21.67 -37.11 -0.56
C GLN A 22 21.23 -37.59 0.85
N TYR A 23 20.47 -36.76 1.59
CA TYR A 23 20.11 -36.99 2.97
C TYR A 23 18.72 -37.59 3.21
N PHE A 24 17.84 -37.66 2.20
CA PHE A 24 16.51 -38.19 2.44
C PHE A 24 16.21 -39.44 1.56
N SER A 25 15.79 -40.56 2.22
CA SER A 25 15.49 -41.89 1.62
C SER A 25 14.32 -41.84 0.63
N LYS A 26 13.16 -41.28 1.04
CA LYS A 26 11.99 -41.07 0.19
C LYS A 26 12.04 -39.60 -0.21
N PRO A 27 12.82 -39.24 -1.26
CA PRO A 27 13.03 -37.82 -1.56
C PRO A 27 12.08 -37.31 -2.66
N HIS A 28 10.77 -37.53 -2.48
CA HIS A 28 9.80 -37.05 -3.45
C HIS A 28 9.29 -35.69 -2.99
N ILE A 29 9.64 -34.66 -3.77
CA ILE A 29 9.27 -33.28 -3.51
C ILE A 29 7.80 -33.12 -3.87
N SER A 30 6.96 -32.91 -2.85
CA SER A 30 5.53 -32.66 -2.99
C SER A 30 5.32 -31.16 -2.85
N HIS A 31 5.65 -30.42 -3.92
CA HIS A 31 5.59 -28.97 -4.13
C HIS A 31 6.73 -28.21 -3.36
N ILE A 32 7.08 -27.03 -3.92
CA ILE A 32 8.08 -26.04 -3.52
C ILE A 32 7.40 -24.68 -3.41
N LYS A 33 7.62 -23.96 -2.31
CA LYS A 33 7.05 -22.62 -2.14
C LYS A 33 8.18 -21.62 -2.38
N ILE A 34 8.04 -20.77 -3.41
CA ILE A 34 9.06 -19.77 -3.69
C ILE A 34 8.64 -18.49 -3.00
N GLU A 35 9.49 -18.01 -2.09
CA GLU A 35 9.27 -16.80 -1.33
C GLU A 35 9.58 -15.61 -2.22
N SER A 36 8.52 -14.97 -2.75
CA SER A 36 8.67 -13.77 -3.58
C SER A 36 9.20 -12.65 -2.71
N GLU A 37 10.23 -11.95 -3.18
CA GLU A 37 10.88 -10.89 -2.42
C GLU A 37 9.87 -9.78 -2.07
N ILE A 38 9.75 -9.52 -0.75
CA ILE A 38 8.91 -8.52 -0.08
C ILE A 38 9.50 -7.13 -0.38
N LEU A 39 9.14 -6.57 -1.56
CA LEU A 39 9.61 -5.27 -2.06
C LEU A 39 8.67 -4.14 -1.56
N GLN A 40 9.16 -3.41 -0.53
CA GLN A 40 8.44 -2.31 0.12
C GLN A 40 8.69 -1.02 -0.65
N THR A 41 7.60 -0.30 -0.98
CA THR A 41 7.67 0.95 -1.72
C THR A 41 8.11 2.09 -0.77
N LYS A 42 7.55 2.12 0.47
CA LYS A 42 7.87 3.09 1.53
C LYS A 42 9.28 2.87 2.09
N LYS A 43 10.12 3.92 2.12
CA LYS A 43 11.47 3.84 2.70
C LYS A 43 11.62 4.86 3.84
N TYR A 44 10.94 6.01 3.76
CA TYR A 44 11.05 7.05 4.80
C TYR A 44 9.69 7.35 5.41
N GLU A 45 9.67 7.66 6.71
CA GLU A 45 8.50 8.07 7.48
C GLU A 45 8.91 9.28 8.30
N VAL A 46 8.27 10.42 8.07
CA VAL A 46 8.69 11.65 8.73
C VAL A 46 7.60 12.16 9.68
N LEU A 47 8.00 12.45 10.91
CA LEU A 47 7.12 13.05 11.90
C LEU A 47 7.48 14.52 12.03
N LEU A 48 6.47 15.38 11.99
CA LEU A 48 6.67 16.81 12.13
C LEU A 48 6.37 17.24 13.56
N THR A 49 6.67 18.50 13.90
CA THR A 49 6.44 19.08 15.22
C THR A 49 4.92 19.27 15.49
N ASP A 50 4.10 19.45 14.43
CA ASP A 50 2.65 19.60 14.57
C ASP A 50 1.98 18.19 14.60
N ARG A 51 2.79 17.16 14.94
CA ARG A 51 2.46 15.73 15.11
C ARG A 51 1.96 15.05 13.80
N THR A 52 1.97 15.77 12.65
CA THR A 52 1.51 15.17 11.38
C THR A 52 2.64 14.28 10.81
N GLU A 53 2.27 13.09 10.33
CA GLU A 53 3.19 12.07 9.78
C GLU A 53 3.06 11.97 8.25
N ILE A 54 4.21 11.87 7.54
CA ILE A 54 4.30 11.75 6.07
C ILE A 54 5.17 10.54 5.70
N ASP A 55 4.72 9.70 4.75
CA ASP A 55 5.50 8.53 4.31
C ASP A 55 5.97 8.75 2.87
N PHE A 56 7.27 8.51 2.60
CA PHE A 56 7.85 8.72 1.27
C PHE A 56 8.57 7.48 0.73
N ASP A 57 8.58 7.29 -0.61
CA ASP A 57 9.31 6.19 -1.24
C ASP A 57 10.81 6.51 -1.28
N LYS A 58 11.65 5.56 -1.75
CA LYS A 58 13.12 5.70 -1.81
C LYS A 58 13.56 6.97 -2.59
N LYS A 59 12.75 7.45 -3.57
CA LYS A 59 13.07 8.63 -4.38
C LYS A 59 12.53 9.97 -3.75
N GLY A 60 11.90 9.89 -2.59
CA GLY A 60 11.38 11.06 -1.89
C GLY A 60 9.98 11.49 -2.29
N ASN A 61 9.28 10.68 -3.11
CA ASN A 61 7.90 10.96 -3.53
C ASN A 61 6.96 10.59 -2.40
N TRP A 62 6.07 11.50 -1.97
CA TRP A 62 5.16 11.20 -0.86
C TRP A 62 4.20 10.10 -1.25
N LEU A 63 3.73 9.34 -0.26
CA LEU A 63 2.81 8.21 -0.44
C LEU A 63 1.58 8.38 0.43
N GLU A 64 1.78 8.84 1.67
CA GLU A 64 0.71 9.08 2.63
C GLU A 64 0.98 10.36 3.42
N VAL A 65 -0.06 11.13 3.69
CA VAL A 65 -0.01 12.34 4.51
C VAL A 65 -1.12 12.19 5.54
N ASP A 66 -0.74 11.93 6.81
CA ASP A 66 -1.69 11.78 7.91
C ASP A 66 -1.57 12.99 8.81
N CYS A 67 -2.60 13.83 8.83
CA CYS A 67 -2.61 15.03 9.67
C CYS A 67 -3.38 14.76 10.98
N LYS A 68 -3.50 13.46 11.32
CA LYS A 68 -4.11 12.90 12.53
C LYS A 68 -5.59 13.35 12.64
N LYS A 69 -5.89 14.43 13.40
CA LYS A 69 -7.26 14.94 13.61
C LYS A 69 -7.43 16.36 13.04
N SER A 70 -6.35 16.92 12.46
CA SER A 70 -6.37 18.24 11.82
C SER A 70 -6.56 18.06 10.29
N ALA A 71 -6.71 19.16 9.54
CA ALA A 71 -6.97 19.08 8.10
C ALA A 71 -5.69 18.99 7.24
N VAL A 72 -5.77 18.19 6.17
CA VAL A 72 -4.72 18.01 5.16
C VAL A 72 -4.65 19.30 4.32
N PRO A 73 -3.46 19.91 4.08
CA PRO A 73 -3.41 21.14 3.24
C PRO A 73 -4.11 20.94 1.91
N GLU A 74 -5.12 21.80 1.63
CA GLU A 74 -6.01 21.74 0.47
C GLU A 74 -5.24 21.59 -0.86
N ALA A 75 -4.05 22.20 -0.99
CA ALA A 75 -3.22 22.15 -2.19
C ALA A 75 -2.81 20.72 -2.58
N LEU A 76 -2.84 19.77 -1.63
CA LEU A 76 -2.46 18.37 -1.83
C LEU A 76 -3.57 17.49 -2.37
N ILE A 77 -4.81 17.87 -2.11
CA ILE A 77 -5.98 17.10 -2.51
C ILE A 77 -6.38 17.47 -3.95
N PRO A 78 -6.47 16.46 -4.87
CA PRO A 78 -6.90 16.75 -6.25
C PRO A 78 -8.25 17.46 -6.27
N VAL A 79 -8.40 18.45 -7.18
CA VAL A 79 -9.60 19.30 -7.32
C VAL A 79 -10.89 18.43 -7.38
N PRO A 80 -11.05 17.38 -8.26
CA PRO A 80 -12.32 16.62 -8.26
C PRO A 80 -12.64 16.00 -6.90
N VAL A 81 -11.60 15.50 -6.16
CA VAL A 81 -11.71 14.91 -4.82
C VAL A 81 -12.15 16.01 -3.83
N LYS A 82 -11.44 17.16 -3.86
CA LYS A 82 -11.71 18.33 -3.03
C LYS A 82 -13.18 18.77 -3.17
N GLU A 83 -13.67 18.87 -4.42
CA GLU A 83 -15.03 19.28 -4.77
C GLU A 83 -16.07 18.23 -4.37
N TYR A 84 -15.74 16.92 -4.42
CA TYR A 84 -16.65 15.84 -4.04
C TYR A 84 -16.96 15.92 -2.55
N VAL A 85 -15.92 16.14 -1.73
CA VAL A 85 -16.03 16.25 -0.28
C VAL A 85 -16.78 17.54 0.08
N LYS A 86 -16.42 18.70 -0.50
CA LYS A 86 -17.08 19.99 -0.23
C LYS A 86 -18.59 19.92 -0.55
N ALA A 87 -19.00 19.00 -1.45
CA ALA A 87 -20.38 18.82 -1.86
C ALA A 87 -21.12 17.81 -0.97
N ASN A 88 -20.68 16.52 -0.96
CA ASN A 88 -21.31 15.42 -0.23
C ASN A 88 -20.98 15.40 1.27
N PHE A 89 -19.88 16.03 1.72
CA PHE A 89 -19.52 16.04 3.16
C PHE A 89 -19.08 17.45 3.57
N PRO A 90 -19.99 18.46 3.58
CA PRO A 90 -19.55 19.84 3.91
C PRO A 90 -19.28 20.02 5.41
N ARG A 91 -19.86 19.15 6.26
CA ARG A 91 -19.68 19.17 7.72
C ARG A 91 -18.34 18.57 8.13
N GLU A 92 -17.62 17.92 7.17
CA GLU A 92 -16.38 17.21 7.46
C GLU A 92 -15.16 17.81 6.76
N ILE A 93 -13.96 17.42 7.25
CA ILE A 93 -12.62 17.80 6.75
C ILE A 93 -11.80 16.51 6.48
N ILE A 94 -10.80 16.60 5.55
CA ILE A 94 -9.93 15.48 5.18
C ILE A 94 -8.74 15.47 6.15
N THR A 95 -8.54 14.34 6.87
CA THR A 95 -7.48 14.20 7.88
C THR A 95 -6.29 13.38 7.34
N LYS A 96 -6.52 12.54 6.32
CA LYS A 96 -5.48 11.68 5.77
C LYS A 96 -5.70 11.46 4.27
N ILE A 97 -4.62 11.52 3.49
CA ILE A 97 -4.62 11.28 2.06
C ILE A 97 -3.48 10.33 1.75
N GLU A 98 -3.77 9.34 0.92
CA GLU A 98 -2.81 8.35 0.46
C GLU A 98 -2.90 8.27 -1.05
N ARG A 99 -1.76 8.24 -1.75
CA ARG A 99 -1.78 8.10 -3.21
C ARG A 99 -1.07 6.80 -3.60
N GLY A 100 -1.65 6.12 -4.58
CA GLY A 100 -1.13 4.85 -5.11
C GLY A 100 -1.31 4.75 -6.61
N ARG A 101 -1.10 3.54 -7.15
CA ARG A 101 -1.23 3.27 -8.57
C ARG A 101 -2.71 3.29 -9.00
N THR A 102 -3.65 2.84 -8.11
CA THR A 102 -5.10 2.80 -8.40
C THR A 102 -5.72 4.20 -8.40
N GLY A 103 -5.15 5.13 -7.61
CA GLY A 103 -5.60 6.50 -7.49
C GLY A 103 -5.25 7.15 -6.17
N VAL A 104 -6.28 7.61 -5.44
CA VAL A 104 -6.15 8.30 -4.16
C VAL A 104 -7.21 7.76 -3.17
N GLU A 105 -6.80 7.58 -1.90
CA GLU A 105 -7.69 7.15 -0.81
C GLU A 105 -7.61 8.17 0.31
N ILE A 106 -8.75 8.81 0.61
CA ILE A 106 -8.82 9.85 1.63
C ILE A 106 -9.60 9.36 2.83
N GLU A 107 -9.27 9.89 3.99
CA GLU A 107 -9.92 9.60 5.26
C GLU A 107 -10.44 10.93 5.82
N LEU A 108 -11.70 10.95 6.28
CA LEU A 108 -12.37 12.11 6.86
C LEU A 108 -12.27 12.08 8.40
N GLY A 109 -12.63 13.18 9.05
CA GLY A 109 -12.60 13.30 10.51
C GLY A 109 -13.50 12.32 11.25
N ASN A 110 -14.57 11.86 10.59
CA ASN A 110 -15.58 10.92 11.13
C ASN A 110 -15.24 9.45 10.77
N ASP A 111 -13.97 9.20 10.38
CA ASP A 111 -13.37 7.90 10.05
C ASP A 111 -13.96 7.28 8.74
N TYR A 112 -14.71 8.07 7.93
CA TYR A 112 -15.15 7.60 6.60
C TYR A 112 -13.97 7.53 5.68
N SER A 113 -13.80 6.43 4.93
CA SER A 113 -12.71 6.38 3.95
C SER A 113 -13.34 6.41 2.56
N LEU A 114 -12.77 7.20 1.65
CA LEU A 114 -13.27 7.34 0.28
C LEU A 114 -12.15 7.04 -0.71
N LYS A 115 -12.45 6.29 -1.78
CA LYS A 115 -11.46 5.91 -2.78
C LYS A 115 -11.82 6.54 -4.14
N PHE A 116 -10.85 7.22 -4.76
CA PHE A 116 -10.97 7.89 -6.07
C PHE A 116 -9.93 7.30 -7.03
N ASN A 117 -10.21 7.31 -8.36
CA ASN A 117 -9.27 6.75 -9.34
C ASN A 117 -8.26 7.84 -9.79
N LYS A 118 -7.33 7.48 -10.72
CA LYS A 118 -6.27 8.37 -11.22
C LYS A 118 -6.87 9.61 -11.89
N LYS A 119 -7.97 9.44 -12.67
CA LYS A 119 -8.68 10.52 -13.35
C LYS A 119 -9.35 11.47 -12.34
N GLY A 120 -9.52 11.01 -11.10
CA GLY A 120 -10.08 11.80 -10.00
C GLY A 120 -11.55 11.61 -9.69
N LYS A 121 -12.23 10.65 -10.35
CA LYS A 121 -13.64 10.44 -10.05
C LYS A 121 -13.78 9.35 -8.98
N PHE A 122 -14.87 9.42 -8.19
CA PHE A 122 -15.23 8.52 -7.11
C PHE A 122 -15.28 7.05 -7.58
N VAL A 123 -14.94 6.12 -6.66
CA VAL A 123 -14.93 4.69 -6.92
C VAL A 123 -15.79 4.01 -5.83
N SER A 124 -15.38 4.10 -4.55
CA SER A 124 -16.07 3.49 -3.41
C SER A 124 -15.78 4.23 -2.09
N MSE A 125 -16.43 3.79 -1.00
CA MSE A 125 -16.25 4.31 0.34
C MSE A 125 -16.69 3.24 1.36
O MSE A 125 -17.28 2.24 0.95
CB MSE A 125 -17.00 5.64 0.58
CG MSE A 125 -18.53 5.54 0.54
SE MSE A 125 -19.41 7.22 1.04
CE MSE A 125 -18.83 7.32 2.92
N ASP A 126 -16.39 3.47 2.66
CA ASP A 126 -16.84 2.56 3.73
C ASP A 126 -17.03 3.37 5.05
N ASP A 127 -18.19 3.12 5.72
CA ASP A 127 -18.62 3.75 6.98
C ASP A 127 -17.71 3.34 8.15
C1 EDO B . 22.95 -23.30 -8.04
O1 EDO B . 22.71 -24.36 -7.12
C2 EDO B . 22.46 -23.66 -9.49
O2 EDO B . 21.04 -23.75 -9.55
C1 EDO C . 14.94 -34.54 -9.32
O1 EDO C . 14.95 -34.09 -7.98
C2 EDO C . 13.48 -34.65 -9.83
O2 EDO C . 13.48 -35.06 -11.18
#